data_7QTN
#
_entry.id   7QTN
#
_cell.length_a   44.880
_cell.length_b   44.880
_cell.length_c   149.700
_cell.angle_alpha   90.000
_cell.angle_beta   90.000
_cell.angle_gamma   120.000
#
_symmetry.space_group_name_H-M   'P 63 2 2'
#
loop_
_entity.id
_entity.type
_entity.pdbx_description
1 polymer "RNA (5'-R(*GP*GP*UP*AP*(RY)P*UP*GP*CP*GP*(XAN)P*UP*AP*CP*C)-3')"
2 polymer "RNA (5'-R(*GP*GP*UP*AP*CP*UP*GP*CP*GP*(XAM)P*UP*AP*CP*C)-3')"
3 water water
#
loop_
_entity_poly.entity_id
_entity_poly.type
_entity_poly.pdbx_seq_one_letter_code
_entity_poly.pdbx_strand_id
1 'polyribonucleotide' GGUA(RY)UGCG(HYJ)UACC A
2 'polyribonucleotide' GGUACUGCG(XMP)UACC B
#